data_2P1S
#
_entry.id   2P1S
#
_cell.length_a   63.155
_cell.length_b   50.425
_cell.length_c   65.883
_cell.angle_alpha   90.00
_cell.angle_beta   107.70
_cell.angle_gamma   90.00
#
_symmetry.space_group_name_H-M   'P 1 21 1'
#
loop_
_entity.id
_entity.type
_entity.pdbx_description
1 polymer Lactotransferrin
2 branched beta-D-mannopyranose-(1-4)-2-acetamido-2-deoxy-beta-D-glucopyranose-(1-4)-2-acetamido-2-deoxy-beta-D-glucopyranose
3 branched alpha-D-mannopyranose-(1-4)-beta-D-mannopyranose-(1-4)-2-acetamido-2-deoxy-beta-D-glucopyranose-(1-4)-2-acetamido-2-deoxy-beta-D-glucopyranose
4 branched alpha-D-galactopyranose-(1-2)-alpha-D-fructofuranose-(1-3)-alpha-D-glucopyranose
5 non-polymer 2-acetamido-2-deoxy-beta-D-glucopyranose
6 non-polymer 'FE (III) ION'
7 non-polymer 'CARBONATE ION'
8 non-polymer 'ZINC ION'
9 non-polymer 'SULFATE ION'
10 water water
#
_entity_poly.entity_id   1
_entity_poly.type   'polypeptide(L)'
_entity_poly.pdbx_seq_one_letter_code
;YTRVVWCAVGPEEQKKCQQWSQQSGQNVTCATASTTDDCIVLVLKGEADALNLDGGYIYTAGKCGLVPVLAENRKSSKHS
SLDCVLRPTEGYLAVAVVKKANEGLTWNSLKDKKSCHTAVDRTAGWNIPMGLIVNQTGSCAFDEFFSQSCAPGADPKSRL
CALCAGDDQGLDKCVPNSKEKYYGYTGAFRCLAEDVGDVAFVKNDTVWENTNGESTADWAKNLKREDFRLLCLDGTRKPV
TEAQSCHLAVAPNHAVVSRSDRAAHVEQVLLHQQALFGKNGKNCPDKFCLFKSETKNLLFNDNTECLAKLGGRPTYEEYL
GTEYVTAIANLKKCSTSPLLEACA
;
_entity_poly.pdbx_strand_id   A
#
# COMPACT_ATOMS: atom_id res chain seq x y z
N TYR A 1 18.76 14.29 18.71
CA TYR A 1 19.44 15.00 17.55
C TYR A 1 19.61 14.08 16.31
N THR A 2 20.30 12.95 16.48
CA THR A 2 20.27 11.91 15.44
C THR A 2 19.17 10.92 15.84
N ARG A 3 18.13 11.44 16.47
CA ARG A 3 16.97 10.62 16.84
C ARG A 3 15.90 10.89 15.79
N VAL A 4 15.29 9.83 15.25
CA VAL A 4 14.23 9.96 14.25
C VAL A 4 12.86 9.60 14.86
N VAL A 5 11.87 10.46 14.67
CA VAL A 5 10.52 10.18 15.14
C VAL A 5 9.75 9.58 13.96
N TRP A 6 9.34 8.32 14.08
CA TRP A 6 8.58 7.64 13.02
C TRP A 6 7.08 7.92 13.23
N CYS A 7 6.30 7.97 12.16
CA CYS A 7 4.84 8.18 12.36
C CYS A 7 4.09 6.90 12.07
N ALA A 8 3.40 6.37 13.07
CA ALA A 8 2.69 5.11 12.90
C ALA A 8 1.23 5.42 12.64
N VAL A 9 0.60 4.64 11.76
CA VAL A 9 -0.81 4.87 11.47
C VAL A 9 -1.68 3.83 12.19
N GLY A 10 -2.40 4.26 13.23
CA GLY A 10 -3.25 3.33 13.97
C GLY A 10 -2.50 2.56 15.05
N PRO A 11 -3.25 1.90 15.95
CA PRO A 11 -2.69 1.22 17.12
C PRO A 11 -1.80 -0.01 16.88
N GLU A 12 -1.97 -0.74 15.78
CA GLU A 12 -1.16 -1.91 15.55
C GLU A 12 0.19 -1.45 15.05
N GLU A 13 0.23 -0.42 14.20
CA GLU A 13 1.53 0.11 13.77
C GLU A 13 2.22 0.73 14.99
N GLN A 14 1.45 1.41 15.85
CA GLN A 14 2.03 2.02 17.05
C GLN A 14 2.76 0.96 17.90
N LYS A 15 2.12 -0.16 18.13
CA LYS A 15 2.74 -1.25 18.88
C LYS A 15 4.04 -1.70 18.23
N LYS A 16 4.04 -1.91 16.91
CA LYS A 16 5.29 -2.32 16.24
C LYS A 16 6.39 -1.26 16.39
N CYS A 17 6.02 0.00 16.21
CA CYS A 17 6.95 1.07 16.31
C CYS A 17 7.56 1.09 17.72
N GLN A 18 6.73 0.90 18.75
CA GLN A 18 7.23 0.88 20.13
C GLN A 18 8.31 -0.19 20.37
N GLN A 19 8.14 -1.37 19.79
CA GLN A 19 9.14 -2.44 19.88
C GLN A 19 10.43 -2.04 19.17
N TRP A 20 10.29 -1.45 17.98
CA TRP A 20 11.45 -0.95 17.26
C TRP A 20 12.17 0.10 18.10
N SER A 21 11.40 0.96 18.76
CA SER A 21 11.94 2.05 19.55
C SER A 21 12.79 1.51 20.69
N GLN A 22 12.19 0.56 21.41
CA GLN A 22 12.85 -0.13 22.53
C GLN A 22 14.13 -0.79 22.05
N GLN A 23 14.07 -1.56 20.97
CA GLN A 23 15.22 -2.29 20.45
C GLN A 23 16.33 -1.42 19.88
N SER A 24 15.97 -0.21 19.45
CA SER A 24 16.88 0.72 18.85
C SER A 24 17.53 1.60 19.92
N GLY A 25 17.19 1.38 21.20
CA GLY A 25 17.73 2.18 22.28
C GLY A 25 17.28 3.62 22.16
N GLN A 26 16.09 3.78 21.60
CA GLN A 26 15.52 5.10 21.37
C GLN A 26 16.22 5.90 20.30
N ASN A 27 16.94 5.24 19.39
CA ASN A 27 17.41 6.01 18.24
C ASN A 27 16.22 6.37 17.34
N VAL A 28 15.17 5.56 17.44
CA VAL A 28 13.90 5.84 16.79
C VAL A 28 12.84 5.91 17.89
N THR A 29 11.97 6.91 17.83
CA THR A 29 10.79 6.98 18.70
C THR A 29 9.55 7.15 17.81
N CYS A 30 8.38 7.19 18.43
CA CYS A 30 7.12 7.01 17.70
C CYS A 30 6.09 8.09 17.99
N ALA A 31 5.47 8.58 16.94
CA ALA A 31 4.32 9.44 17.08
C ALA A 31 3.22 8.61 16.40
N THR A 32 1.96 8.78 16.79
CA THR A 32 0.90 8.00 16.14
C THR A 32 -0.26 8.86 15.72
N ALA A 33 -0.88 8.51 14.61
CA ALA A 33 -2.04 9.27 14.11
C ALA A 33 -3.02 8.26 13.58
N SER A 34 -4.27 8.67 13.41
CA SER A 34 -5.30 7.70 13.02
C SER A 34 -5.33 7.48 11.52
N THR A 35 -4.76 8.40 10.74
CA THR A 35 -4.75 8.23 9.28
C THR A 35 -3.41 8.67 8.72
N THR A 36 -3.18 8.22 7.50
CA THR A 36 -1.95 8.56 6.83
C THR A 36 -1.90 10.07 6.59
N ASP A 37 -3.03 10.68 6.22
CA ASP A 37 -3.05 12.14 6.03
C ASP A 37 -2.64 12.89 7.30
N ASP A 38 -3.07 12.42 8.47
CA ASP A 38 -2.66 13.10 9.70
C ASP A 38 -1.16 12.95 10.00
N CYS A 39 -0.59 11.79 9.68
CA CYS A 39 0.86 11.57 9.82
C CYS A 39 1.61 12.55 8.91
N ILE A 40 1.09 12.75 7.68
CA ILE A 40 1.73 13.74 6.79
C ILE A 40 1.78 15.13 7.43
N VAL A 41 0.68 15.51 8.08
CA VAL A 41 0.61 16.80 8.73
C VAL A 41 1.59 16.89 9.90
N LEU A 42 1.73 15.80 10.65
CA LEU A 42 2.71 15.78 11.76
C LEU A 42 4.14 16.00 11.22
N VAL A 43 4.44 15.37 10.09
CA VAL A 43 5.75 15.53 9.49
C VAL A 43 5.93 16.97 9.02
N LEU A 44 4.90 17.54 8.38
CA LEU A 44 4.97 18.96 7.93
C LEU A 44 5.23 19.89 9.12
N LYS A 45 4.64 19.57 10.28
CA LYS A 45 4.80 20.41 11.46
C LYS A 45 6.16 20.25 12.11
N GLY A 46 6.84 19.16 11.77
CA GLY A 46 8.14 18.88 12.34
C GLY A 46 7.94 18.08 13.62
N GLU A 47 6.73 17.60 13.89
CA GLU A 47 6.48 16.81 15.10
C GLU A 47 6.77 15.31 14.90
N ALA A 48 6.88 14.90 13.64
CA ALA A 48 7.37 13.57 13.30
C ALA A 48 8.39 13.77 12.13
N ASP A 49 9.29 12.81 11.92
CA ASP A 49 10.27 12.94 10.83
C ASP A 49 9.92 12.19 9.55
N ALA A 50 9.27 11.05 9.68
CA ALA A 50 9.18 10.18 8.52
C ALA A 50 8.15 9.08 8.63
N LEU A 51 7.73 8.59 7.47
CA LEU A 51 6.96 7.35 7.41
C LEU A 51 7.07 6.82 5.99
N ASN A 52 6.66 5.57 5.84
CA ASN A 52 6.72 4.90 4.55
C ASN A 52 5.32 4.99 3.92
N LEU A 53 5.26 5.36 2.64
CA LEU A 53 3.99 5.68 1.97
C LEU A 53 3.76 5.00 0.65
N ASP A 54 2.51 4.64 0.39
CA ASP A 54 2.14 4.18 -0.92
C ASP A 54 2.27 5.38 -1.94
N GLY A 55 2.49 5.10 -3.21
CA GLY A 55 2.66 6.17 -4.21
C GLY A 55 1.55 7.22 -4.27
N GLY A 56 0.30 6.83 -4.03
CA GLY A 56 -0.79 7.80 -4.04
C GLY A 56 -0.60 8.85 -2.93
N TYR A 57 -0.09 8.41 -1.78
CA TYR A 57 0.14 9.35 -0.67
C TYR A 57 1.37 10.15 -0.94
N ILE A 58 2.31 9.56 -1.69
CA ILE A 58 3.53 10.31 -2.01
C ILE A 58 3.18 11.55 -2.84
N TYR A 59 2.21 11.38 -3.75
CA TYR A 59 1.66 12.49 -4.53
C TYR A 59 1.12 13.60 -3.63
N THR A 60 0.31 13.21 -2.64
CA THR A 60 -0.19 14.13 -1.61
C THR A 60 0.92 14.86 -0.84
N ALA A 61 1.87 14.09 -0.34
CA ALA A 61 2.98 14.60 0.47
C ALA A 61 3.90 15.49 -0.36
N GLY A 62 4.10 15.12 -1.63
CA GLY A 62 5.01 15.82 -2.53
C GLY A 62 4.55 17.24 -2.83
N LYS A 63 3.24 17.41 -3.05
CA LYS A 63 2.61 18.72 -3.26
C LYS A 63 2.85 19.63 -2.03
N CYS A 64 3.03 19.03 -0.86
CA CYS A 64 3.28 19.79 0.36
C CYS A 64 4.76 19.97 0.66
N GLY A 65 5.62 19.56 -0.26
CA GLY A 65 7.04 19.75 -0.06
C GLY A 65 7.80 18.56 0.52
N LEU A 66 7.12 17.45 0.82
CA LEU A 66 7.88 16.29 1.29
C LEU A 66 8.58 15.57 0.13
N VAL A 67 9.69 14.88 0.43
CA VAL A 67 10.48 14.22 -0.61
C VAL A 67 10.70 12.72 -0.31
N PRO A 68 10.81 11.90 -1.35
CA PRO A 68 11.14 10.48 -1.16
C PRO A 68 12.59 10.37 -0.73
N VAL A 69 12.88 9.44 0.18
CA VAL A 69 14.23 9.32 0.75
C VAL A 69 14.85 7.95 0.40
N LEU A 70 14.11 6.88 0.66
CA LEU A 70 14.55 5.53 0.32
C LEU A 70 13.28 4.78 -0.10
N ALA A 71 13.44 3.75 -0.94
CA ALA A 71 12.26 3.00 -1.41
C ALA A 71 12.29 1.54 -0.97
N GLU A 72 11.13 0.92 -0.76
CA GLU A 72 11.13 -0.52 -0.52
C GLU A 72 11.68 -1.22 -1.76
N ASN A 73 12.48 -2.27 -1.57
CA ASN A 73 12.95 -3.07 -2.68
C ASN A 73 12.61 -4.52 -2.31
N ARG A 74 11.90 -5.24 -3.17
CA ARG A 74 11.62 -6.67 -2.85
C ARG A 74 12.49 -7.59 -3.71
N LYS A 75 12.25 -8.91 -3.67
CA LYS A 75 13.07 -9.87 -4.45
C LYS A 75 13.12 -9.61 -5.96
N SER A 76 14.32 -9.75 -6.52
CA SER A 76 14.54 -9.45 -7.92
C SER A 76 14.87 -10.68 -8.78
N SER A 77 15.18 -10.44 -10.04
CA SER A 77 15.59 -11.49 -10.97
C SER A 77 16.83 -10.98 -11.70
N LYS A 78 16.73 -9.76 -12.24
CA LYS A 78 17.87 -9.09 -12.88
C LYS A 78 18.58 -8.19 -11.85
N HIS A 79 19.71 -7.57 -12.25
CA HIS A 79 20.55 -6.76 -11.35
C HIS A 79 21.01 -7.67 -10.21
N SER A 80 21.25 -8.94 -10.54
CA SER A 80 21.51 -9.99 -9.57
C SER A 80 22.75 -9.89 -8.68
N SER A 81 23.86 -9.41 -9.23
CA SER A 81 25.09 -9.28 -8.43
C SER A 81 25.05 -8.03 -7.55
N LEU A 82 24.21 -7.07 -7.94
CA LEU A 82 24.07 -5.81 -7.22
C LEU A 82 23.43 -5.96 -5.85
N ASP A 83 23.98 -5.24 -4.88
CA ASP A 83 23.47 -5.26 -3.51
C ASP A 83 22.08 -4.63 -3.48
N CYS A 84 21.21 -5.15 -2.63
CA CYS A 84 19.81 -4.67 -2.53
C CYS A 84 19.69 -3.14 -2.38
N VAL A 85 20.49 -2.57 -1.48
CA VAL A 85 20.43 -1.14 -1.16
C VAL A 85 20.77 -0.22 -2.35
N LEU A 86 21.53 -0.77 -3.30
CA LEU A 86 21.91 -0.02 -4.51
C LEU A 86 21.11 -0.41 -5.76
N ARG A 87 20.36 -1.50 -5.69
CA ARG A 87 19.61 -2.02 -6.83
C ARG A 87 18.41 -1.13 -7.20
N PRO A 88 18.19 -0.92 -8.49
CA PRO A 88 17.05 -0.12 -8.95
C PRO A 88 15.73 -0.79 -8.54
N THR A 89 14.68 0.00 -8.29
CA THR A 89 13.38 -0.59 -7.96
C THR A 89 12.66 -0.99 -9.23
N GLU A 90 11.86 -2.03 -9.16
CA GLU A 90 11.15 -2.48 -10.35
C GLU A 90 9.67 -2.09 -10.42
N GLY A 91 9.07 -1.84 -9.27
CA GLY A 91 7.66 -1.49 -9.25
C GLY A 91 6.85 -2.75 -8.97
N TYR A 92 5.58 -2.59 -8.64
CA TYR A 92 4.76 -3.76 -8.46
C TYR A 92 3.59 -3.69 -9.41
N LEU A 93 2.95 -4.85 -9.63
CA LEU A 93 1.87 -4.89 -10.59
C LEU A 93 0.49 -4.70 -9.93
N ALA A 94 -0.26 -3.69 -10.32
CA ALA A 94 -1.61 -3.51 -9.83
C ALA A 94 -2.54 -4.48 -10.62
N VAL A 95 -3.34 -5.27 -9.92
CA VAL A 95 -4.22 -6.23 -10.57
C VAL A 95 -5.65 -6.17 -10.03
N ALA A 96 -6.57 -6.74 -10.79
CA ALA A 96 -7.96 -6.86 -10.36
C ALA A 96 -8.20 -8.34 -10.24
N VAL A 97 -8.66 -8.77 -9.08
CA VAL A 97 -8.74 -10.19 -8.80
C VAL A 97 -10.17 -10.62 -8.48
N VAL A 98 -10.54 -11.78 -9.02
CA VAL A 98 -11.86 -12.30 -8.75
C VAL A 98 -11.78 -13.79 -8.44
N LYS A 99 -12.90 -14.37 -7.99
CA LYS A 99 -12.94 -15.80 -7.78
C LYS A 99 -13.25 -16.47 -9.10
N LYS A 100 -12.57 -17.57 -9.40
CA LYS A 100 -12.85 -18.39 -10.61
C LYS A 100 -14.35 -18.77 -10.68
N ALA A 101 -14.94 -19.13 -9.55
CA ALA A 101 -16.36 -19.50 -9.50
C ALA A 101 -17.32 -18.40 -9.96
N ASN A 102 -16.89 -17.14 -9.91
CA ASN A 102 -17.72 -16.05 -10.36
C ASN A 102 -17.47 -15.99 -11.88
N GLU A 103 -18.09 -16.91 -12.63
CA GLU A 103 -17.86 -17.06 -14.07
C GLU A 103 -18.50 -15.93 -14.84
N GLY A 104 -17.94 -15.60 -16.00
CA GLY A 104 -18.55 -14.51 -16.77
C GLY A 104 -18.41 -13.10 -16.19
N LEU A 105 -17.70 -12.97 -15.08
CA LEU A 105 -17.37 -11.64 -14.56
C LEU A 105 -16.05 -11.22 -15.24
N THR A 106 -16.03 -10.08 -15.93
CA THR A 106 -14.80 -9.61 -16.56
C THR A 106 -14.71 -8.12 -16.35
N TRP A 107 -13.62 -7.53 -16.82
CA TRP A 107 -13.42 -6.07 -16.70
C TRP A 107 -14.64 -5.34 -17.23
N ASN A 108 -15.19 -5.88 -18.31
CA ASN A 108 -16.30 -5.31 -19.02
C ASN A 108 -17.69 -5.52 -18.38
N SER A 109 -17.78 -6.28 -17.30
CA SER A 109 -19.08 -6.46 -16.62
C SER A 109 -18.99 -6.08 -15.15
N LEU A 110 -18.07 -5.18 -14.80
CA LEU A 110 -17.86 -4.81 -13.40
C LEU A 110 -18.94 -3.87 -12.84
N LYS A 111 -19.63 -3.15 -13.75
CA LYS A 111 -20.67 -2.24 -13.31
C LYS A 111 -21.70 -2.92 -12.43
N ASP A 112 -22.08 -2.24 -11.34
CA ASP A 112 -23.03 -2.72 -10.34
C ASP A 112 -22.59 -3.92 -9.52
N LYS A 113 -21.32 -4.33 -9.63
CA LYS A 113 -20.84 -5.40 -8.75
C LYS A 113 -20.29 -4.78 -7.44
N LYS A 114 -19.77 -5.62 -6.56
CA LYS A 114 -19.28 -5.23 -5.24
C LYS A 114 -17.76 -5.22 -5.28
N SER A 115 -17.14 -4.17 -4.72
CA SER A 115 -15.71 -4.03 -4.88
C SER A 115 -14.97 -3.90 -3.54
N CYS A 116 -13.70 -4.33 -3.53
CA CYS A 116 -12.83 -4.30 -2.33
C CYS A 116 -11.58 -3.54 -2.75
N HIS A 117 -11.33 -2.42 -2.07
CA HIS A 117 -10.23 -1.48 -2.36
C HIS A 117 -9.29 -1.34 -1.13
N THR A 118 -7.98 -1.18 -1.32
CA THR A 118 -7.09 -1.10 -0.15
C THR A 118 -7.43 0.12 0.71
N ALA A 119 -7.62 1.26 0.04
CA ALA A 119 -8.07 2.52 0.65
C ALA A 119 -8.22 3.57 -0.45
N VAL A 120 -9.08 4.55 -0.24
CA VAL A 120 -9.13 5.72 -1.12
C VAL A 120 -7.73 6.34 -1.21
N ASP A 121 -7.39 6.84 -2.41
CA ASP A 121 -6.15 7.55 -2.66
C ASP A 121 -4.90 6.71 -2.83
N ARG A 122 -5.01 5.40 -2.66
CA ARG A 122 -3.85 4.52 -2.83
C ARG A 122 -3.70 4.06 -4.28
N THR A 123 -2.51 3.61 -4.70
CA THR A 123 -2.26 3.28 -6.10
C THR A 123 -3.06 2.11 -6.69
N ALA A 124 -2.81 0.90 -6.20
CA ALA A 124 -3.47 -0.28 -6.77
C ALA A 124 -4.91 -0.31 -6.29
N GLY A 125 -5.16 0.21 -5.11
CA GLY A 125 -6.50 0.05 -4.59
C GLY A 125 -7.51 1.04 -5.12
N TRP A 126 -7.02 2.15 -5.67
CA TRP A 126 -7.96 3.23 -5.99
C TRP A 126 -7.58 4.09 -7.21
N ASN A 127 -6.42 4.71 -7.18
CA ASN A 127 -6.06 5.64 -8.26
C ASN A 127 -6.05 5.00 -9.68
N ILE A 128 -5.50 3.81 -9.80
CA ILE A 128 -5.39 3.14 -11.08
C ILE A 128 -6.77 2.63 -11.51
N PRO A 129 -7.44 1.79 -10.71
CA PRO A 129 -8.74 1.27 -11.14
C PRO A 129 -9.81 2.37 -11.34
N MET A 130 -9.92 3.32 -10.42
CA MET A 130 -10.92 4.36 -10.58
C MET A 130 -10.56 5.33 -11.71
N GLY A 131 -9.27 5.58 -11.91
CA GLY A 131 -8.81 6.39 -13.02
C GLY A 131 -9.24 5.77 -14.35
N LEU A 132 -9.02 4.46 -14.50
CA LEU A 132 -9.43 3.74 -15.67
C LEU A 132 -10.94 3.76 -15.87
N ILE A 133 -11.68 3.54 -14.78
CA ILE A 133 -13.12 3.50 -14.87
C ILE A 133 -13.73 4.84 -15.25
N VAL A 134 -13.21 5.92 -14.66
CA VAL A 134 -13.62 7.26 -15.02
C VAL A 134 -13.41 7.52 -16.53
N ASN A 135 -12.23 7.21 -17.05
CA ASN A 135 -11.89 7.42 -18.45
C ASN A 135 -12.82 6.65 -19.37
N GLN A 136 -12.96 5.35 -19.09
CA GLN A 136 -13.82 4.49 -19.89
C GLN A 136 -15.29 4.85 -19.81
N THR A 137 -15.71 5.42 -18.69
CA THR A 137 -17.11 5.78 -18.50
C THR A 137 -17.41 7.20 -18.97
N GLY A 138 -16.41 8.06 -18.95
CA GLY A 138 -16.58 9.47 -19.27
C GLY A 138 -17.45 10.14 -18.22
N SER A 139 -17.23 9.80 -16.95
CA SER A 139 -18.06 10.33 -15.89
C SER A 139 -17.29 10.37 -14.57
N CYS A 140 -17.53 11.39 -13.76
CA CYS A 140 -16.83 11.53 -12.48
C CYS A 140 -17.61 10.88 -11.35
N ALA A 141 -18.68 10.18 -11.71
CA ALA A 141 -19.50 9.52 -10.73
C ALA A 141 -18.95 8.13 -10.40
N PHE A 142 -17.69 8.06 -10.01
CA PHE A 142 -17.06 6.77 -9.65
C PHE A 142 -17.67 6.20 -8.37
N ASP A 143 -18.41 7.03 -7.66
CA ASP A 143 -19.06 6.58 -6.44
C ASP A 143 -20.41 5.92 -6.71
N GLU A 144 -20.79 5.85 -7.97
CA GLU A 144 -22.05 5.22 -8.37
C GLU A 144 -21.82 4.03 -9.29
N PHE A 145 -20.56 3.71 -9.56
CA PHE A 145 -20.21 2.61 -10.44
C PHE A 145 -20.47 1.22 -9.84
N PHE A 146 -19.89 0.95 -8.68
CA PHE A 146 -20.12 -0.33 -8.01
C PHE A 146 -21.39 -0.25 -7.17
N SER A 147 -22.10 -1.35 -6.98
CA SER A 147 -23.30 -1.27 -6.14
C SER A 147 -22.96 -0.95 -4.69
N GLN A 148 -21.93 -1.63 -4.18
CA GLN A 148 -21.43 -1.49 -2.80
C GLN A 148 -19.92 -1.77 -2.80
N SER A 149 -19.21 -1.18 -1.88
CA SER A 149 -17.77 -1.36 -1.80
C SER A 149 -17.31 -1.23 -0.36
N CYS A 150 -16.06 -1.63 -0.15
CA CYS A 150 -15.32 -1.22 1.04
C CYS A 150 -14.11 -0.43 0.47
N ALA A 151 -14.08 0.87 0.70
CA ALA A 151 -12.97 1.72 0.27
C ALA A 151 -12.64 2.58 1.48
N PRO A 152 -11.80 2.05 2.37
CA PRO A 152 -11.48 2.77 3.62
C PRO A 152 -11.08 4.22 3.33
N GLY A 153 -11.63 5.16 4.09
CA GLY A 153 -11.34 6.59 3.89
C GLY A 153 -12.47 7.34 3.19
N ALA A 154 -13.47 6.62 2.66
CA ALA A 154 -14.67 7.26 2.07
C ALA A 154 -15.67 7.55 3.20
N ASP A 155 -16.78 8.22 2.89
CA ASP A 155 -17.83 8.53 3.86
C ASP A 155 -18.50 7.24 4.36
N PRO A 156 -18.42 7.00 5.65
CA PRO A 156 -18.96 5.76 6.25
C PRO A 156 -20.45 5.55 5.99
N LYS A 157 -21.18 6.60 5.65
CA LYS A 157 -22.60 6.45 5.33
C LYS A 157 -22.83 6.18 3.84
N SER A 158 -21.77 6.28 3.04
CA SER A 158 -21.89 6.07 1.59
C SER A 158 -21.79 4.60 1.20
N ARG A 159 -22.22 4.30 -0.02
CA ARG A 159 -22.13 2.93 -0.49
C ARG A 159 -20.66 2.49 -0.64
N LEU A 160 -19.76 3.48 -0.76
CA LEU A 160 -18.32 3.16 -0.81
C LEU A 160 -17.78 2.53 0.49
N CYS A 161 -18.53 2.63 1.59
CA CYS A 161 -18.15 2.01 2.88
C CYS A 161 -19.08 0.90 3.33
N ALA A 162 -20.06 0.56 2.50
CA ALA A 162 -21.12 -0.37 2.93
C ALA A 162 -20.62 -1.76 3.29
N LEU A 163 -19.57 -2.19 2.62
CA LEU A 163 -18.99 -3.49 2.84
C LEU A 163 -17.90 -3.55 3.92
N CYS A 164 -17.40 -2.39 4.35
CA CYS A 164 -16.35 -2.34 5.39
C CYS A 164 -16.94 -2.83 6.74
N ALA A 165 -16.10 -3.44 7.56
CA ALA A 165 -16.59 -4.09 8.76
C ALA A 165 -16.19 -3.47 10.07
N GLY A 166 -15.24 -2.54 10.04
CA GLY A 166 -14.78 -2.01 11.29
C GLY A 166 -13.88 -2.98 12.07
N ASP A 167 -13.74 -2.73 13.37
CA ASP A 167 -12.83 -3.55 14.16
C ASP A 167 -13.55 -4.75 14.79
N ASP A 168 -12.91 -5.41 15.75
CA ASP A 168 -13.52 -6.59 16.38
C ASP A 168 -14.82 -6.25 17.08
N GLN A 169 -14.95 -5.01 17.54
CA GLN A 169 -16.17 -4.58 18.20
C GLN A 169 -17.14 -3.94 17.24
N GLY A 170 -16.81 -3.93 15.95
CA GLY A 170 -17.66 -3.25 14.99
C GLY A 170 -17.51 -1.72 14.99
N LEU A 171 -16.48 -1.19 15.66
CA LEU A 171 -16.23 0.25 15.64
C LEU A 171 -15.23 0.62 14.52
N ASP A 172 -15.08 1.92 14.24
CA ASP A 172 -14.12 2.44 13.27
C ASP A 172 -14.38 1.88 11.88
N LYS A 173 -15.64 1.65 11.55
CA LYS A 173 -15.99 1.17 10.21
C LYS A 173 -15.47 2.12 9.15
N CYS A 174 -14.74 1.57 8.19
CA CYS A 174 -14.20 2.30 7.06
C CYS A 174 -13.03 3.22 7.41
N VAL A 175 -12.48 3.15 8.62
CA VAL A 175 -11.31 4.00 8.87
C VAL A 175 -10.15 3.49 7.99
N PRO A 176 -9.37 4.41 7.44
CA PRO A 176 -8.20 4.02 6.62
C PRO A 176 -6.97 3.67 7.48
N ASN A 177 -7.10 2.67 8.35
CA ASN A 177 -5.96 2.14 9.11
C ASN A 177 -6.28 0.69 9.42
N SER A 178 -5.31 -0.05 9.96
CA SER A 178 -5.45 -1.51 10.11
C SER A 178 -6.50 -1.99 11.11
N LYS A 179 -7.14 -1.11 11.85
CA LYS A 179 -8.26 -1.51 12.70
C LYS A 179 -9.45 -1.94 11.86
N GLU A 180 -9.58 -1.36 10.66
CA GLU A 180 -10.64 -1.80 9.74
C GLU A 180 -10.19 -3.16 9.18
N LYS A 181 -11.05 -4.17 9.39
CA LYS A 181 -10.79 -5.52 8.97
C LYS A 181 -10.43 -5.63 7.47
N TYR A 182 -11.07 -4.85 6.59
CA TYR A 182 -10.75 -4.93 5.15
C TYR A 182 -9.82 -3.86 4.62
N TYR A 183 -9.01 -3.28 5.50
CA TYR A 183 -8.05 -2.24 5.07
C TYR A 183 -6.77 -2.80 4.42
N GLY A 184 -6.22 -2.08 3.44
CA GLY A 184 -4.91 -2.40 2.88
C GLY A 184 -4.90 -3.58 1.90
N TYR A 185 -3.69 -3.99 1.48
CA TYR A 185 -3.62 -5.09 0.54
C TYR A 185 -4.28 -6.38 1.10
N THR A 186 -3.95 -6.74 2.33
CA THR A 186 -4.40 -8.02 2.85
C THR A 186 -5.90 -7.95 3.16
N GLY A 187 -6.32 -6.83 3.72
CA GLY A 187 -7.74 -6.58 4.01
C GLY A 187 -8.64 -6.64 2.78
N ALA A 188 -8.22 -6.03 1.67
CA ALA A 188 -9.07 -6.07 0.48
C ALA A 188 -9.07 -7.46 -0.13
N PHE A 189 -7.93 -8.12 -0.08
CA PHE A 189 -7.90 -9.50 -0.57
C PHE A 189 -8.83 -10.35 0.33
N ARG A 190 -8.79 -10.12 1.64
CA ARG A 190 -9.70 -10.85 2.52
C ARG A 190 -11.21 -10.58 2.22
N CYS A 191 -11.51 -9.35 1.83
CA CYS A 191 -12.84 -8.93 1.44
C CYS A 191 -13.30 -9.78 0.23
N LEU A 192 -12.40 -10.07 -0.72
CA LEU A 192 -12.74 -10.96 -1.84
C LEU A 192 -12.82 -12.42 -1.37
N ALA A 193 -11.80 -12.86 -0.65
CA ALA A 193 -11.73 -14.23 -0.16
C ALA A 193 -13.00 -14.68 0.59
N GLU A 194 -13.55 -13.80 1.42
CA GLU A 194 -14.75 -14.09 2.20
C GLU A 194 -16.01 -13.88 1.41
N ASP A 195 -15.86 -13.59 0.13
CA ASP A 195 -17.01 -13.32 -0.75
C ASP A 195 -17.89 -12.15 -0.34
N VAL A 196 -17.30 -11.19 0.36
CA VAL A 196 -17.98 -9.95 0.65
C VAL A 196 -18.06 -9.12 -0.63
N GLY A 197 -16.97 -9.12 -1.38
CA GLY A 197 -17.04 -8.38 -2.63
C GLY A 197 -16.85 -9.34 -3.77
N ASP A 198 -17.12 -8.84 -4.98
CA ASP A 198 -16.84 -9.58 -6.23
C ASP A 198 -15.42 -9.43 -6.83
N VAL A 199 -14.79 -8.29 -6.57
CA VAL A 199 -13.47 -7.99 -7.11
C VAL A 199 -12.64 -7.26 -6.06
N ALA A 200 -11.35 -7.61 -5.97
CA ALA A 200 -10.39 -6.87 -5.11
C ALA A 200 -9.33 -6.20 -5.99
N PHE A 201 -9.00 -4.94 -5.69
CA PHE A 201 -7.98 -4.22 -6.41
C PHE A 201 -6.78 -4.17 -5.50
N VAL A 202 -5.80 -5.04 -5.81
CA VAL A 202 -4.63 -5.18 -4.96
C VAL A 202 -3.43 -5.33 -5.86
N LYS A 203 -2.35 -5.93 -5.36
CA LYS A 203 -1.18 -6.09 -6.20
C LYS A 203 -0.92 -7.58 -6.40
N ASN A 204 -0.12 -7.90 -7.40
CA ASN A 204 0.19 -9.29 -7.70
C ASN A 204 0.66 -10.08 -6.48
N ASP A 205 1.59 -9.51 -5.73
CA ASP A 205 2.19 -10.20 -4.60
C ASP A 205 1.18 -10.68 -3.56
N THR A 206 0.15 -9.88 -3.35
CA THR A 206 -0.86 -10.15 -2.34
C THR A 206 -1.52 -11.51 -2.54
N VAL A 207 -1.83 -11.82 -3.79
CA VAL A 207 -2.48 -13.08 -4.10
C VAL A 207 -1.54 -14.24 -3.71
N TRP A 208 -0.28 -14.19 -4.14
CA TRP A 208 0.67 -15.26 -3.79
C TRP A 208 0.95 -15.40 -2.29
N GLU A 209 1.07 -14.26 -1.60
CA GLU A 209 1.41 -14.29 -0.18
C GLU A 209 0.32 -14.77 0.70
N ASN A 210 -0.89 -14.84 0.16
CA ASN A 210 -2.02 -15.25 0.96
C ASN A 210 -2.75 -16.53 0.54
N THR A 211 -2.09 -17.33 -0.30
CA THR A 211 -2.69 -18.57 -0.79
C THR A 211 -1.70 -19.74 -0.66
N ASN A 212 -2.21 -20.96 -0.88
CA ASN A 212 -1.40 -22.18 -0.90
C ASN A 212 -0.54 -22.33 0.34
N GLY A 213 -1.07 -22.00 1.51
CA GLY A 213 -0.35 -22.13 2.77
C GLY A 213 0.70 -21.08 3.14
N GLU A 214 0.88 -20.06 2.31
CA GLU A 214 1.86 -19.00 2.60
C GLU A 214 1.44 -18.19 3.83
N SER A 215 0.13 -18.13 4.08
CA SER A 215 -0.37 -17.47 5.27
C SER A 215 -1.05 -18.53 6.15
N THR A 216 -0.87 -18.41 7.46
CA THR A 216 -1.41 -19.35 8.43
C THR A 216 -2.69 -18.79 9.01
N ALA A 217 -3.00 -17.56 8.64
CA ALA A 217 -4.22 -16.92 9.11
C ALA A 217 -5.45 -17.75 8.77
N ASP A 218 -6.38 -17.79 9.72
CA ASP A 218 -7.65 -18.54 9.67
C ASP A 218 -8.43 -18.39 8.36
N TRP A 219 -8.52 -17.16 7.86
CA TRP A 219 -9.32 -16.92 6.67
C TRP A 219 -8.57 -17.31 5.42
N ALA A 220 -7.24 -17.41 5.52
CA ALA A 220 -6.40 -17.67 4.35
C ALA A 220 -5.84 -19.11 4.22
N LYS A 221 -5.91 -19.85 5.32
CA LYS A 221 -5.44 -21.25 5.41
C LYS A 221 -5.77 -22.15 4.24
N ASN A 222 -7.01 -22.09 3.81
CA ASN A 222 -7.51 -22.98 2.79
C ASN A 222 -7.62 -22.38 1.39
N LEU A 223 -7.03 -21.20 1.18
CA LEU A 223 -7.16 -20.59 -0.13
C LEU A 223 -6.14 -21.15 -1.12
N LYS A 224 -6.61 -21.44 -2.32
CA LYS A 224 -5.79 -21.95 -3.39
C LYS A 224 -5.73 -20.96 -4.55
N ARG A 225 -4.54 -20.69 -5.03
CA ARG A 225 -4.29 -19.85 -6.19
C ARG A 225 -5.19 -20.18 -7.38
N GLU A 226 -5.50 -21.47 -7.55
CA GLU A 226 -6.35 -21.84 -8.68
C GLU A 226 -7.78 -21.36 -8.56
N ASP A 227 -8.20 -21.00 -7.37
CA ASP A 227 -9.59 -20.56 -7.20
C ASP A 227 -9.79 -19.06 -7.56
N PHE A 228 -8.71 -18.41 -7.97
CA PHE A 228 -8.73 -16.99 -8.35
C PHE A 228 -8.35 -16.75 -9.80
N ARG A 229 -8.88 -15.66 -10.37
CA ARG A 229 -8.47 -15.20 -11.69
C ARG A 229 -8.21 -13.68 -11.71
N LEU A 230 -7.31 -13.26 -12.56
CA LEU A 230 -7.05 -11.85 -12.82
C LEU A 230 -7.95 -11.36 -13.95
N LEU A 231 -8.40 -10.12 -13.83
CA LEU A 231 -9.17 -9.46 -14.89
C LEU A 231 -8.22 -8.61 -15.76
N CYS A 232 -8.19 -8.87 -17.08
CA CYS A 232 -7.31 -8.14 -17.99
C CYS A 232 -8.07 -7.03 -18.65
N LEU A 233 -7.37 -5.98 -19.07
CA LEU A 233 -8.06 -4.86 -19.71
C LEU A 233 -8.70 -5.25 -21.06
N ASP A 234 -8.24 -6.31 -21.70
CA ASP A 234 -8.85 -6.71 -22.98
C ASP A 234 -10.13 -7.55 -22.83
N GLY A 235 -10.63 -7.67 -21.61
CA GLY A 235 -11.82 -8.46 -21.41
C GLY A 235 -11.61 -9.94 -21.11
N THR A 236 -10.40 -10.45 -21.04
CA THR A 236 -10.21 -11.87 -20.69
C THR A 236 -9.94 -12.08 -19.20
N ARG A 237 -9.95 -13.33 -18.79
CA ARG A 237 -9.59 -13.73 -17.44
C ARG A 237 -8.38 -14.64 -17.54
N LYS A 238 -7.41 -14.46 -16.66
CA LYS A 238 -6.23 -15.30 -16.72
C LYS A 238 -5.88 -15.80 -15.33
N PRO A 239 -5.12 -16.89 -15.28
CA PRO A 239 -4.58 -17.39 -14.01
C PRO A 239 -3.63 -16.38 -13.39
N VAL A 240 -3.48 -16.50 -12.08
CA VAL A 240 -2.68 -15.53 -11.34
C VAL A 240 -1.23 -15.66 -11.70
N THR A 241 -0.86 -16.72 -12.41
CA THR A 241 0.51 -16.83 -12.91
C THR A 241 0.79 -15.92 -14.08
N GLU A 242 -0.24 -15.29 -14.64
CA GLU A 242 -0.05 -14.48 -15.85
C GLU A 242 -0.09 -12.98 -15.59
N ALA A 243 0.32 -12.55 -14.41
CA ALA A 243 0.20 -11.13 -14.09
C ALA A 243 1.02 -10.22 -15.01
N GLN A 244 2.18 -10.70 -15.47
CA GLN A 244 2.99 -9.88 -16.35
C GLN A 244 2.24 -9.55 -17.63
N SER A 245 1.24 -10.34 -17.99
CA SER A 245 0.50 -10.05 -19.21
C SER A 245 -0.91 -9.59 -18.94
N CYS A 246 -1.27 -9.52 -17.66
CA CYS A 246 -2.65 -9.18 -17.31
C CYS A 246 -2.72 -8.33 -16.01
N HIS A 247 -2.25 -7.10 -16.08
CA HIS A 247 -2.29 -6.16 -14.94
C HIS A 247 -2.88 -4.85 -15.46
N LEU A 248 -3.25 -3.98 -14.51
CA LEU A 248 -3.83 -2.70 -14.85
C LEU A 248 -2.76 -1.63 -14.98
N ALA A 249 -1.62 -1.83 -14.32
CA ALA A 249 -0.50 -0.87 -14.43
C ALA A 249 0.66 -1.37 -13.63
N VAL A 250 1.83 -0.80 -13.83
CA VAL A 250 2.90 -1.03 -12.88
C VAL A 250 3.04 0.20 -11.96
N ALA A 251 3.04 -0.05 -10.66
CA ALA A 251 3.06 1.02 -9.66
C ALA A 251 4.49 1.29 -9.15
N PRO A 252 4.81 2.54 -8.81
CA PRO A 252 6.07 2.80 -8.12
C PRO A 252 6.05 2.23 -6.68
N ASN A 253 7.15 1.61 -6.25
CA ASN A 253 7.20 1.06 -4.91
C ASN A 253 6.91 2.12 -3.82
N HIS A 254 6.36 1.64 -2.72
CA HIS A 254 6.18 2.47 -1.52
C HIS A 254 7.55 2.98 -1.11
N ALA A 255 7.57 4.18 -0.53
CA ALA A 255 8.87 4.76 -0.18
C ALA A 255 8.73 5.61 1.07
N VAL A 256 9.82 5.75 1.78
CA VAL A 256 9.93 6.64 2.95
C VAL A 256 10.03 8.09 2.50
N VAL A 257 9.21 8.97 3.08
CA VAL A 257 9.31 10.40 2.81
C VAL A 257 9.61 11.19 4.05
N SER A 258 10.16 12.37 3.86
CA SER A 258 10.36 13.24 4.98
C SER A 258 10.38 14.68 4.49
N ARG A 259 10.45 15.61 5.42
CA ARG A 259 10.65 16.98 5.02
C ARG A 259 11.99 17.10 4.35
N SER A 260 12.03 17.93 3.31
CA SER A 260 13.30 18.06 2.57
C SER A 260 14.48 18.39 3.48
N ASP A 261 14.25 19.28 4.44
CA ASP A 261 15.34 19.69 5.33
C ASP A 261 15.82 18.57 6.27
N ARG A 262 15.04 17.49 6.43
CA ARG A 262 15.44 16.37 7.29
C ARG A 262 15.89 15.10 6.54
N ALA A 263 15.85 15.13 5.22
CA ALA A 263 16.07 13.92 4.41
C ALA A 263 17.40 13.23 4.68
N ALA A 264 18.47 14.02 4.69
CA ALA A 264 19.79 13.45 4.86
C ALA A 264 19.92 12.72 6.17
N HIS A 265 19.33 13.29 7.21
CA HIS A 265 19.48 12.70 8.52
C HIS A 265 18.61 11.44 8.65
N VAL A 266 17.42 11.49 8.06
CA VAL A 266 16.53 10.32 8.05
C VAL A 266 17.22 9.15 7.31
N GLU A 267 17.80 9.46 6.15
CA GLU A 267 18.46 8.44 5.33
C GLU A 267 19.60 7.75 6.11
N GLN A 268 20.45 8.55 6.75
CA GLN A 268 21.55 8.03 7.56
C GLN A 268 21.07 7.08 8.67
N VAL A 269 20.06 7.50 9.42
CA VAL A 269 19.59 6.65 10.51
C VAL A 269 18.99 5.32 10.02
N LEU A 270 18.13 5.40 9.01
CA LEU A 270 17.46 4.21 8.49
C LEU A 270 18.40 3.16 7.90
N LEU A 271 19.41 3.60 7.17
CA LEU A 271 20.42 2.70 6.62
C LEU A 271 21.11 1.92 7.75
N HIS A 272 21.39 2.59 8.87
CA HIS A 272 21.95 1.92 10.04
C HIS A 272 20.92 1.04 10.72
N GLN A 273 19.66 1.51 10.80
CA GLN A 273 18.62 0.67 11.38
C GLN A 273 18.40 -0.63 10.57
N GLN A 274 18.47 -0.56 9.26
CA GLN A 274 18.23 -1.80 8.53
C GLN A 274 19.42 -2.77 8.64
N ALA A 275 20.63 -2.23 8.81
CA ALA A 275 21.80 -3.06 9.03
C ALA A 275 21.58 -3.88 10.30
N LEU A 276 20.80 -3.36 11.24
CA LEU A 276 20.54 -4.06 12.48
C LEU A 276 19.29 -4.99 12.43
N PHE A 277 18.19 -4.47 11.90
CA PHE A 277 16.92 -5.19 11.96
C PHE A 277 16.32 -5.60 10.62
N GLY A 278 17.02 -5.33 9.54
CA GLY A 278 16.59 -5.70 8.20
C GLY A 278 16.74 -7.18 7.91
N LYS A 279 16.52 -7.54 6.64
CA LYS A 279 16.47 -8.95 6.28
C LYS A 279 17.68 -9.78 6.72
N ASN A 280 18.89 -9.31 6.46
CA ASN A 280 20.05 -10.07 6.93
C ASN A 280 20.64 -9.51 8.23
N GLY A 281 19.91 -8.61 8.86
CA GLY A 281 20.41 -7.85 10.01
C GLY A 281 20.96 -8.54 11.22
N LYS A 282 21.91 -7.87 11.87
CA LYS A 282 22.55 -8.33 13.09
C LYS A 282 21.59 -8.92 14.12
N ASN A 283 20.44 -8.27 14.30
CA ASN A 283 19.49 -8.65 15.33
C ASN A 283 18.17 -9.25 14.85
N CYS A 284 18.13 -9.64 13.58
CA CYS A 284 16.92 -10.23 13.04
C CYS A 284 17.35 -11.56 12.49
N PRO A 285 16.66 -12.65 12.87
CA PRO A 285 15.40 -12.63 13.60
C PRO A 285 15.49 -12.80 15.11
N ASP A 286 16.68 -12.65 15.68
CA ASP A 286 16.87 -12.95 17.10
C ASP A 286 16.18 -12.04 18.09
N LYS A 287 16.19 -10.74 17.80
CA LYS A 287 15.58 -9.77 18.69
C LYS A 287 14.39 -9.06 18.07
N PHE A 288 14.58 -8.53 16.85
CA PHE A 288 13.55 -7.75 16.17
C PHE A 288 13.79 -7.69 14.66
N CYS A 289 12.71 -7.86 13.90
CA CYS A 289 12.76 -7.78 12.45
C CYS A 289 11.84 -6.63 11.99
N LEU A 290 12.46 -5.62 11.39
CA LEU A 290 11.78 -4.45 10.88
C LEU A 290 10.74 -4.84 9.82
N PHE A 291 11.08 -5.77 8.94
CA PHE A 291 10.21 -6.08 7.81
C PHE A 291 9.25 -7.27 8.03
N LYS A 292 8.90 -7.52 9.31
CA LYS A 292 7.94 -8.59 9.66
C LYS A 292 6.82 -8.11 10.58
N SER A 293 5.62 -8.61 10.32
CA SER A 293 4.46 -8.29 11.12
C SER A 293 3.37 -9.42 11.03
N GLU A 294 3.71 -10.58 10.47
CA GLU A 294 2.76 -11.69 10.24
C GLU A 294 1.72 -11.31 9.17
N THR A 295 2.21 -11.07 7.95
CA THR A 295 1.39 -10.76 6.79
C THR A 295 0.54 -9.48 6.92
N LYS A 296 0.82 -8.68 7.93
CA LYS A 296 -0.02 -7.52 8.17
C LYS A 296 0.55 -6.23 7.58
N ASN A 297 1.75 -6.28 7.04
CA ASN A 297 2.36 -5.12 6.38
C ASN A 297 2.33 -3.87 7.23
N LEU A 298 2.78 -4.01 8.48
CA LEU A 298 2.80 -2.88 9.43
C LEU A 298 4.11 -2.08 9.30
N LEU A 299 3.98 -0.78 9.03
CA LEU A 299 5.10 0.16 8.77
C LEU A 299 5.74 -0.03 7.42
N PHE A 300 6.07 -1.27 7.08
CA PHE A 300 6.62 -1.63 5.79
C PHE A 300 5.89 -2.85 5.28
N ASN A 301 5.98 -3.10 3.98
CA ASN A 301 5.44 -4.35 3.46
C ASN A 301 6.32 -5.51 3.94
N ASP A 302 5.65 -6.61 4.28
CA ASP A 302 6.33 -7.81 4.75
C ASP A 302 7.25 -8.43 3.73
N ASN A 303 7.01 -8.21 2.44
CA ASN A 303 7.91 -8.75 1.43
C ASN A 303 9.14 -7.86 1.11
N THR A 304 9.38 -6.85 1.93
CA THR A 304 10.51 -5.95 1.69
C THR A 304 11.86 -6.64 2.01
N GLU A 305 12.78 -6.63 1.06
CA GLU A 305 14.12 -7.17 1.30
C GLU A 305 15.02 -6.11 1.95
N CYS A 306 14.93 -4.87 1.45
CA CYS A 306 15.67 -3.77 2.05
C CYS A 306 15.06 -2.43 1.62
N LEU A 307 15.55 -1.37 2.24
CA LEU A 307 15.25 -0.03 1.78
C LEU A 307 16.43 0.38 0.89
N ALA A 308 16.11 0.89 -0.31
CA ALA A 308 17.11 1.21 -1.32
C ALA A 308 17.29 2.68 -1.59
N LYS A 309 18.54 3.07 -1.88
CA LYS A 309 18.86 4.46 -2.22
C LYS A 309 18.26 4.76 -3.57
N LEU A 310 17.91 6.01 -3.80
CA LEU A 310 17.21 6.36 -5.02
C LEU A 310 18.13 6.74 -6.15
N GLY A 311 18.96 7.78 -6.12
CA GLY A 311 19.84 7.92 -7.27
C GLY A 311 19.09 8.68 -8.33
N GLY A 312 19.65 9.80 -8.65
CA GLY A 312 19.06 10.77 -9.50
C GLY A 312 18.54 11.88 -8.55
N ARG A 313 18.50 11.55 -7.25
CA ARG A 313 17.95 12.46 -6.26
C ARG A 313 16.60 12.91 -6.78
N PRO A 314 15.65 11.96 -6.72
CA PRO A 314 14.31 12.20 -7.28
C PRO A 314 13.57 13.36 -6.77
N THR A 315 12.78 13.95 -7.60
CA THR A 315 11.82 14.82 -6.97
C THR A 315 10.68 13.83 -6.83
N TYR A 316 9.63 14.20 -6.13
CA TYR A 316 8.54 13.23 -6.01
C TYR A 316 7.88 12.94 -7.39
N GLU A 317 7.88 13.95 -8.27
CA GLU A 317 7.35 13.77 -9.63
C GLU A 317 8.17 12.81 -10.46
N GLU A 318 9.49 12.92 -10.34
CA GLU A 318 10.39 12.02 -11.03
C GLU A 318 10.27 10.61 -10.47
N TYR A 319 10.09 10.52 -9.16
CA TYR A 319 9.97 9.21 -8.52
C TYR A 319 8.69 8.49 -8.98
N LEU A 320 7.55 9.18 -9.00
CA LEU A 320 6.30 8.56 -9.39
C LEU A 320 6.24 8.31 -10.90
N GLY A 321 6.91 9.19 -11.68
CA GLY A 321 6.96 9.04 -13.13
C GLY A 321 5.82 9.84 -13.77
N THR A 322 6.06 10.34 -14.98
CA THR A 322 5.07 11.21 -15.62
C THR A 322 3.77 10.53 -15.98
N GLU A 323 3.82 9.26 -16.36
CA GLU A 323 2.60 8.49 -16.63
C GLU A 323 1.65 8.51 -15.39
N TYR A 324 2.22 8.20 -14.24
CA TYR A 324 1.40 8.06 -13.04
C TYR A 324 0.88 9.39 -12.52
N VAL A 325 1.75 10.39 -12.45
CA VAL A 325 1.36 11.72 -12.01
C VAL A 325 0.22 12.27 -12.86
N THR A 326 0.25 12.03 -14.16
CA THR A 326 -0.83 12.62 -14.94
C THR A 326 -2.13 11.89 -14.71
N ALA A 327 -2.03 10.60 -14.45
CA ALA A 327 -3.22 9.82 -14.14
C ALA A 327 -3.92 10.33 -12.88
N ILE A 328 -3.16 10.58 -11.81
CA ILE A 328 -3.78 11.09 -10.60
C ILE A 328 -4.38 12.49 -10.79
N ALA A 329 -3.62 13.34 -11.47
CA ALA A 329 -4.05 14.72 -11.71
C ALA A 329 -5.45 14.70 -12.32
N ASN A 330 -5.62 13.88 -13.34
CA ASN A 330 -6.89 13.72 -14.06
C ASN A 330 -8.06 13.16 -13.24
N LEU A 331 -7.74 12.20 -12.35
CA LEU A 331 -8.76 11.64 -11.47
C LEU A 331 -9.15 12.67 -10.42
N LYS A 332 -8.17 13.42 -9.93
CA LYS A 332 -8.48 14.37 -8.85
C LYS A 332 -9.35 15.55 -9.31
N LYS A 333 -9.42 15.79 -10.62
CA LYS A 333 -10.31 16.82 -11.15
C LYS A 333 -11.77 16.47 -10.91
N CYS A 334 -12.03 15.19 -10.64
CA CYS A 334 -13.39 14.72 -10.42
C CYS A 334 -13.95 15.12 -9.07
N SER A 335 -13.06 15.25 -8.09
CA SER A 335 -13.54 15.64 -6.75
C SER A 335 -12.54 16.51 -6.00
N LEU A 340 -3.44 22.80 6.13
CA LEU A 340 -3.11 22.46 4.75
C LEU A 340 -3.12 20.96 4.52
N GLU A 341 -3.78 20.55 3.45
CA GLU A 341 -3.79 19.14 3.04
C GLU A 341 -4.07 19.13 1.55
N ALA A 342 -4.32 20.33 1.06
CA ALA A 342 -4.33 20.62 -0.35
C ALA A 342 -3.26 21.71 -0.46
N CYS A 343 -2.00 21.31 -0.26
CA CYS A 343 -0.89 22.28 -0.33
C CYS A 343 -0.60 22.72 -1.77
N ALA A 344 -1.29 22.10 -2.73
CA ALA A 344 -1.26 22.54 -4.13
C ALA A 344 -2.31 21.77 -4.96
#